data_3FPI
#
_entry.id   3FPI
#
_cell.length_a   145.639
_cell.length_b   145.639
_cell.length_c   145.639
_cell.angle_alpha   90.00
_cell.angle_beta   90.00
_cell.angle_gamma   90.00
#
_symmetry.space_group_name_H-M   'I 21 3'
#
loop_
_entity.id
_entity.type
_entity.pdbx_description
1 polymer '2-C-methyl-D-erythritol 2,4-cyclodiphosphate synthase'
2 non-polymer "CYTIDINE-5'-TRIPHOSPHATE"
3 non-polymer '4-(2-HYDROXYETHYL)-1-PIPERAZINE ETHANESULFONIC ACID'
4 non-polymer 'CHLORIDE ION'
5 non-polymer 'SULFATE ION'
6 non-polymer 'MAGNESIUM ION'
7 water water
#
_entity_poly.entity_id   1
_entity_poly.type   'polypeptide(L)'
_entity_poly.pdbx_seq_one_letter_code
;SNA(MSE)RIGHGFDVHKFGENGSGPLIIGGVRIPYEKGLLAHSDGDVALHAATDALLGAAALGDIGKLFPDTDPAFKGA
DSRGLLREAYRRILAKGYKLGNLDITIIAQAPK(MSE)APHIPQ(MSE)RVNLAEDLQCH(MSE)DDINVKATTTEQLGF
TGRGEGIACEAVVLLVNVEQG
;
_entity_poly.pdbx_strand_id   A
#
# COMPACT_ATOMS: atom_id res chain seq x y z
N ASN A 2 16.74 -2.86 -20.70
CA ASN A 2 15.26 -3.25 -20.78
C ASN A 2 14.21 -2.17 -20.36
N ALA A 3 13.36 -1.84 -21.33
CA ALA A 3 12.61 -0.59 -21.40
C ALA A 3 11.63 -0.42 -20.24
N ARG A 5 9.23 -2.49 -16.96
CA ARG A 5 9.11 -3.63 -16.10
C ARG A 5 7.79 -3.58 -15.36
N ILE A 6 7.18 -4.76 -15.21
CA ILE A 6 5.89 -4.91 -14.54
C ILE A 6 6.06 -5.44 -13.11
N GLY A 7 5.14 -5.06 -12.21
CA GLY A 7 5.21 -5.47 -10.81
C GLY A 7 3.81 -5.67 -10.23
N HIS A 8 3.68 -6.61 -9.29
CA HIS A 8 2.40 -6.88 -8.68
C HIS A 8 2.56 -6.99 -7.18
N GLY A 9 1.61 -6.40 -6.46
CA GLY A 9 1.62 -6.47 -5.00
C GLY A 9 0.26 -6.87 -4.45
N PHE A 10 0.29 -7.58 -3.33
CA PHE A 10 -0.92 -8.02 -2.70
C PHE A 10 -0.75 -8.04 -1.20
N ASP A 11 -1.67 -7.43 -0.46
CA ASP A 11 -1.48 -7.39 0.97
C ASP A 11 -2.80 -7.44 1.76
N VAL A 12 -2.78 -8.10 2.91
CA VAL A 12 -3.95 -8.25 3.75
C VAL A 12 -3.66 -7.85 5.21
N HIS A 13 -4.61 -7.20 5.85
CA HIS A 13 -4.55 -7.00 7.30
C HIS A 13 -5.84 -7.28 7.99
N LYS A 14 -5.71 -7.83 9.18
CA LYS A 14 -6.82 -8.20 10.00
C LYS A 14 -7.19 -6.99 10.84
N PHE A 15 -8.47 -6.72 10.99
CA PHE A 15 -8.91 -5.67 11.91
C PHE A 15 -8.64 -6.07 13.32
N GLY A 16 -8.40 -5.07 14.17
CA GLY A 16 -8.35 -5.28 15.61
C GLY A 16 -9.75 -5.16 16.17
N GLU A 17 -9.87 -4.89 17.45
CA GLU A 17 -11.18 -4.67 18.07
C GLU A 17 -11.62 -3.24 18.07
N ASN A 18 -12.67 -2.95 18.82
CA ASN A 18 -13.30 -1.63 18.79
C ASN A 18 -12.55 -0.60 19.63
N GLY A 19 -11.25 -0.82 19.79
CA GLY A 19 -10.36 0.22 20.30
C GLY A 19 -9.59 0.92 19.20
N SER A 20 -9.39 0.22 18.08
CA SER A 20 -8.18 0.36 17.30
C SER A 20 -8.10 1.74 16.64
N GLY A 21 -6.88 2.20 16.41
CA GLY A 21 -6.61 3.63 16.34
C GLY A 21 -6.51 4.13 14.92
N PRO A 22 -7.57 4.77 14.44
CA PRO A 22 -8.37 4.21 13.33
C PRO A 22 -7.52 4.01 12.07
N LEU A 23 -8.19 3.72 10.95
CA LEU A 23 -7.49 3.27 9.75
C LEU A 23 -6.49 4.33 9.28
N ILE A 24 -5.32 3.87 8.85
CA ILE A 24 -4.54 4.58 7.83
C ILE A 24 -4.50 3.78 6.53
N ILE A 25 -4.97 4.39 5.46
CA ILE A 25 -4.92 3.76 4.14
C ILE A 25 -4.48 4.76 3.11
N GLY A 26 -3.40 4.42 2.42
CA GLY A 26 -2.83 5.30 1.44
C GLY A 26 -2.37 6.57 2.11
N GLY A 27 -1.87 6.42 3.33
CA GLY A 27 -1.39 7.55 4.09
C GLY A 27 -2.50 8.44 4.66
N VAL A 28 -3.76 8.08 4.40
CA VAL A 28 -4.90 8.88 4.88
C VAL A 28 -5.53 8.23 6.12
N ARG A 29 -5.79 9.04 7.13
CA ARG A 29 -6.38 8.54 8.35
C ARG A 29 -7.90 8.54 8.18
N ILE A 30 -8.52 7.36 8.17
CA ILE A 30 -9.94 7.18 7.88
C ILE A 30 -10.74 6.79 9.14
N PRO A 31 -11.87 7.48 9.38
CA PRO A 31 -12.63 7.26 10.63
C PRO A 31 -13.23 5.86 10.67
N TYR A 32 -12.99 5.14 11.75
CA TYR A 32 -13.50 3.79 11.86
C TYR A 32 -13.33 3.25 13.28
N GLU A 33 -14.21 2.30 13.60
N GLU A 33 -14.25 2.36 13.68
CA GLU A 33 -14.33 1.63 14.90
CA GLU A 33 -14.16 1.76 15.01
C GLU A 33 -13.20 0.65 15.25
C GLU A 33 -12.81 1.07 15.15
N LYS A 34 -12.53 0.14 14.22
CA LYS A 34 -11.34 -0.70 14.37
C LYS A 34 -10.25 -0.17 13.46
N GLY A 35 -9.01 -0.51 13.80
CA GLY A 35 -7.83 -0.29 12.98
C GLY A 35 -7.29 -1.64 12.55
N LEU A 36 -6.29 -1.64 11.67
CA LEU A 36 -5.73 -2.89 11.12
C LEU A 36 -4.52 -3.34 11.95
N LEU A 37 -4.51 -4.51 12.56
CA LEU A 37 -3.28 -4.87 13.29
C LEU A 37 -2.11 -5.23 12.36
N ALA A 38 -0.91 -4.80 12.74
CA ALA A 38 0.29 -4.95 11.90
C ALA A 38 1.52 -4.53 12.68
N HIS A 39 2.71 -4.95 12.23
CA HIS A 39 3.96 -4.49 12.88
C HIS A 39 4.13 -2.97 12.70
N SER A 40 4.00 -2.45 11.46
CA SER A 40 4.03 -1.00 11.19
C SER A 40 2.61 -0.44 11.27
N ASP A 41 2.39 0.78 10.75
CA ASP A 41 1.05 1.40 10.73
C ASP A 41 -0.08 0.59 10.04
N GLY A 42 0.24 -0.53 9.38
CA GLY A 42 -0.79 -1.39 8.77
C GLY A 42 -1.43 -0.88 7.49
N ASP A 43 -0.79 0.08 6.83
CA ASP A 43 -1.34 0.64 5.63
C ASP A 43 -1.28 -0.34 4.44
N VAL A 44 -2.33 -1.16 4.31
CA VAL A 44 -2.44 -2.19 3.28
C VAL A 44 -2.18 -1.66 1.87
N ALA A 45 -2.68 -0.45 1.59
CA ALA A 45 -2.58 0.06 0.24
C ALA A 45 -1.13 0.43 -0.05
N LEU A 46 -0.45 1.09 0.89
CA LEU A 46 0.96 1.38 0.69
C LEU A 46 1.79 0.10 0.67
N HIS A 47 1.44 -0.90 1.47
CA HIS A 47 2.21 -2.16 1.38
C HIS A 47 2.11 -2.80 0.02
N ALA A 48 0.88 -3.00 -0.45
CA ALA A 48 0.67 -3.56 -1.77
C ALA A 48 1.44 -2.75 -2.84
N ALA A 49 1.42 -1.42 -2.72
CA ALA A 49 2.11 -0.60 -3.71
C ALA A 49 3.64 -0.77 -3.62
N THR A 50 4.15 -0.81 -2.41
CA THR A 50 5.58 -0.96 -2.25
C THR A 50 6.04 -2.28 -2.87
N ASP A 51 5.28 -3.34 -2.62
CA ASP A 51 5.63 -4.63 -3.17
C ASP A 51 5.58 -4.70 -4.66
N ALA A 52 4.56 -4.08 -5.25
CA ALA A 52 4.51 -3.94 -6.69
C ALA A 52 5.77 -3.28 -7.23
N LEU A 53 6.21 -2.18 -6.60
CA LEU A 53 7.43 -1.50 -7.01
C LEU A 53 8.69 -2.34 -6.85
N LEU A 54 8.88 -2.94 -5.67
CA LEU A 54 10.05 -3.77 -5.43
C LEU A 54 10.01 -4.98 -6.36
N GLY A 55 8.82 -5.50 -6.59
CA GLY A 55 8.67 -6.68 -7.45
C GLY A 55 9.02 -6.37 -8.90
N ALA A 56 8.63 -5.18 -9.36
CA ALA A 56 8.95 -4.81 -10.73
C ALA A 56 10.47 -4.68 -10.87
N ALA A 57 11.16 -4.27 -9.79
CA ALA A 57 12.60 -3.99 -9.79
C ALA A 57 13.40 -5.27 -9.52
N ALA A 58 12.70 -6.41 -9.43
CA ALA A 58 13.23 -7.63 -8.86
C ALA A 58 14.04 -7.37 -7.58
N LEU A 59 13.50 -6.59 -6.65
CA LEU A 59 14.15 -6.37 -5.36
C LEU A 59 13.50 -7.15 -4.23
N GLY A 60 12.57 -8.04 -4.55
CA GLY A 60 11.95 -8.90 -3.55
C GLY A 60 10.58 -8.39 -3.12
N ASP A 61 10.53 -7.90 -1.89
CA ASP A 61 9.33 -7.28 -1.31
C ASP A 61 9.73 -6.48 -0.06
N ILE A 62 8.74 -5.97 0.67
CA ILE A 62 9.00 -5.12 1.83
C ILE A 62 9.76 -5.88 2.92
N GLY A 63 9.39 -7.13 3.15
CA GLY A 63 10.09 -7.99 4.10
C GLY A 63 11.56 -8.12 3.82
N LYS A 64 11.94 -8.13 2.53
CA LYS A 64 13.34 -8.13 2.15
C LYS A 64 14.00 -6.85 2.57
N LEU A 65 13.44 -5.70 2.26
CA LEU A 65 14.09 -4.47 2.60
C LEU A 65 14.03 -4.09 4.07
N PHE A 66 12.95 -4.44 4.72
CA PHE A 66 12.73 -4.02 6.10
C PHE A 66 12.23 -5.18 6.94
N PRO A 67 13.16 -6.07 7.38
CA PRO A 67 12.80 -7.20 8.25
C PRO A 67 11.67 -6.88 9.26
N ASP A 68 10.65 -7.74 9.26
CA ASP A 68 9.51 -7.71 10.18
C ASP A 68 9.95 -7.99 11.64
N THR A 69 10.98 -8.85 11.76
CA THR A 69 11.72 -9.13 12.99
C THR A 69 12.34 -7.86 13.67
N ASP A 70 13.01 -7.02 12.87
CA ASP A 70 13.62 -5.73 13.30
C ASP A 70 12.65 -4.76 14.06
N PRO A 71 12.90 -4.50 15.39
CA PRO A 71 12.08 -3.55 16.19
C PRO A 71 12.10 -2.05 15.76
N ALA A 72 13.05 -1.66 14.89
CA ALA A 72 13.14 -0.29 14.32
C ALA A 72 11.94 0.08 13.43
N PHE A 73 11.17 -0.93 13.04
CA PHE A 73 10.00 -0.69 12.21
C PHE A 73 8.67 -0.92 12.89
N LYS A 74 8.65 -1.15 14.22
CA LYS A 74 7.35 -1.24 14.93
C LYS A 74 6.65 0.12 14.85
N GLY A 75 5.41 0.10 14.33
CA GLY A 75 4.63 1.29 14.02
C GLY A 75 5.23 2.20 12.95
N ALA A 76 6.15 1.66 12.12
CA ALA A 76 6.84 2.41 11.06
C ALA A 76 5.80 3.04 10.14
N ASP A 77 6.10 4.25 9.68
CA ASP A 77 5.24 4.92 8.76
C ASP A 77 5.40 4.27 7.36
N SER A 78 4.31 3.74 6.83
CA SER A 78 4.39 3.10 5.53
C SER A 78 4.82 4.03 4.41
N ARG A 79 4.45 5.30 4.48
CA ARG A 79 4.92 6.27 3.50
C ARG A 79 6.46 6.40 3.47
N GLY A 80 7.09 6.30 4.65
CA GLY A 80 8.51 6.31 4.76
C GLY A 80 9.08 5.06 4.12
N LEU A 81 8.50 3.90 4.45
CA LEU A 81 8.96 2.66 3.78
C LEU A 81 8.86 2.76 2.25
N LEU A 82 7.76 3.31 1.75
CA LEU A 82 7.57 3.49 0.33
C LEU A 82 8.67 4.37 -0.24
N ARG A 83 8.96 5.50 0.42
CA ARG A 83 9.96 6.43 -0.09
C ARG A 83 11.36 5.83 -0.17
N GLU A 84 11.68 4.96 0.80
CA GLU A 84 12.95 4.30 0.83
C GLU A 84 13.05 3.29 -0.31
N ALA A 85 12.03 2.46 -0.45
CA ALA A 85 12.00 1.56 -1.57
C ALA A 85 12.13 2.31 -2.88
N TYR A 86 11.47 3.47 -3.01
CA TYR A 86 11.48 4.13 -4.32
C TYR A 86 12.88 4.69 -4.63
N ARG A 87 13.55 5.11 -3.56
CA ARG A 87 14.90 5.58 -3.60
C ARG A 87 15.78 4.48 -4.17
N ARG A 88 15.66 3.28 -3.61
CA ARG A 88 16.36 2.13 -4.14
C ARG A 88 16.00 1.86 -5.61
N ILE A 89 14.71 1.92 -5.98
CA ILE A 89 14.35 1.69 -7.37
C ILE A 89 15.04 2.71 -8.30
N LEU A 90 15.07 3.98 -7.88
CA LEU A 90 15.74 5.03 -8.68
C LEU A 90 17.21 4.74 -8.79
N ALA A 91 17.82 4.37 -7.67
CA ALA A 91 19.22 3.95 -7.65
C ALA A 91 19.49 2.91 -8.72
N LYS A 92 18.58 1.93 -8.88
CA LYS A 92 18.75 0.85 -9.84
C LYS A 92 18.45 1.34 -11.29
N GLY A 93 18.12 2.60 -11.52
CA GLY A 93 17.92 3.08 -12.89
C GLY A 93 16.49 3.12 -13.41
N TYR A 94 15.51 2.91 -12.51
CA TYR A 94 14.10 2.91 -12.91
C TYR A 94 13.31 4.00 -12.24
N LYS A 95 12.26 4.48 -12.94
CA LYS A 95 11.27 5.39 -12.32
C LYS A 95 9.87 4.90 -12.63
N LEU A 96 8.91 5.39 -11.87
CA LEU A 96 7.52 5.01 -12.05
C LEU A 96 7.06 5.39 -13.43
N GLY A 97 6.44 4.43 -14.15
CA GLY A 97 5.59 4.69 -15.31
C GLY A 97 4.19 4.96 -14.77
N ASN A 98 3.48 3.96 -14.27
CA ASN A 98 2.22 4.27 -13.59
C ASN A 98 1.84 3.17 -12.65
N LEU A 99 0.97 3.53 -11.73
CA LEU A 99 0.55 2.64 -10.69
C LEU A 99 -0.94 2.59 -10.64
N ASP A 100 -1.47 1.43 -10.35
CA ASP A 100 -2.91 1.24 -10.15
C ASP A 100 -3.16 0.36 -8.92
N ILE A 101 -4.08 0.78 -8.07
CA ILE A 101 -4.32 0.09 -6.80
C ILE A 101 -5.83 -0.25 -6.68
N THR A 102 -6.13 -1.46 -6.20
CA THR A 102 -7.50 -1.82 -5.92
C THR A 102 -7.57 -2.22 -4.46
N ILE A 103 -8.20 -1.38 -3.64
CA ILE A 103 -8.52 -1.72 -2.26
C ILE A 103 -9.77 -2.62 -2.20
N ILE A 104 -9.73 -3.69 -1.41
CA ILE A 104 -10.87 -4.59 -1.29
C ILE A 104 -11.30 -4.57 0.16
N ALA A 105 -12.44 -3.92 0.40
CA ALA A 105 -12.91 -3.72 1.75
C ALA A 105 -14.40 -3.55 1.72
N GLN A 106 -15.08 -4.24 2.62
CA GLN A 106 -16.51 -4.08 2.79
C GLN A 106 -16.78 -2.70 3.38
N ALA A 107 -15.91 -2.21 4.26
CA ALA A 107 -16.15 -0.89 4.86
C ALA A 107 -14.87 -0.50 5.60
N PRO A 108 -14.67 0.81 5.83
CA PRO A 108 -15.55 1.95 5.49
C PRO A 108 -15.45 2.31 4.01
N LYS A 109 -16.17 3.36 3.59
CA LYS A 109 -16.11 3.82 2.21
C LYS A 109 -14.73 4.43 1.92
N ALA A 111 -13.96 5.88 -1.17
CA ALA A 111 -14.05 6.92 -2.20
C ALA A 111 -13.73 8.37 -1.75
N PRO A 112 -14.30 8.84 -0.61
CA PRO A 112 -13.95 10.21 -0.18
C PRO A 112 -12.44 10.48 -0.03
N HIS A 113 -11.64 9.45 0.28
CA HIS A 113 -10.22 9.61 0.60
C HIS A 113 -9.27 9.37 -0.57
N ILE A 114 -9.82 8.96 -1.70
CA ILE A 114 -8.98 8.56 -2.79
C ILE A 114 -8.15 9.73 -3.33
N PRO A 115 -8.77 10.93 -3.42
CA PRO A 115 -7.96 12.02 -3.97
C PRO A 115 -6.72 12.33 -3.13
N GLN A 116 -6.86 12.29 -1.81
CA GLN A 116 -5.74 12.56 -0.91
C GLN A 116 -4.70 11.44 -0.97
N ARG A 118 -4.08 9.76 -3.58
CA ARG A 118 -3.34 9.95 -4.82
C ARG A 118 -2.32 11.05 -4.65
N VAL A 119 -2.71 12.09 -3.91
CA VAL A 119 -1.80 13.18 -3.55
C VAL A 119 -0.58 12.64 -2.80
N ASN A 120 -0.82 11.82 -1.78
CA ASN A 120 0.30 11.28 -1.01
C ASN A 120 1.22 10.43 -1.85
N LEU A 121 0.66 9.66 -2.76
CA LEU A 121 1.45 8.77 -3.56
C LEU A 121 2.22 9.52 -4.59
N ALA A 122 1.59 10.48 -5.24
CA ALA A 122 2.29 11.27 -6.23
C ALA A 122 3.44 12.06 -5.60
N GLU A 123 3.25 12.45 -4.35
CA GLU A 123 4.33 13.10 -3.65
C GLU A 123 5.47 12.13 -3.39
N ASP A 124 5.12 11.00 -2.77
CA ASP A 124 6.07 9.98 -2.44
C ASP A 124 6.83 9.44 -3.62
N LEU A 125 6.17 9.24 -4.75
CA LEU A 125 6.85 8.68 -5.90
C LEU A 125 7.25 9.76 -6.86
N GLN A 126 7.22 11.00 -6.39
CA GLN A 126 7.68 12.15 -7.15
C GLN A 126 7.23 12.13 -8.59
N CYS A 127 5.93 12.12 -8.82
CA CYS A 127 5.37 12.10 -10.16
C CYS A 127 4.10 12.92 -10.21
N HIS A 128 3.46 12.96 -11.38
CA HIS A 128 2.17 13.61 -11.51
C HIS A 128 1.09 12.66 -10.99
N ASP A 130 -1.53 11.95 -12.31
CA ASP A 130 -2.05 11.13 -13.39
C ASP A 130 -1.37 9.82 -13.55
N ASP A 131 -0.32 9.58 -12.77
CA ASP A 131 0.35 8.32 -12.88
C ASP A 131 -0.07 7.38 -11.77
N ILE A 132 -1.02 7.85 -10.97
CA ILE A 132 -1.56 7.11 -9.86
C ILE A 132 -3.06 6.88 -10.04
N ASN A 133 -3.48 5.63 -10.03
CA ASN A 133 -4.89 5.36 -9.90
C ASN A 133 -5.17 4.56 -8.65
N VAL A 134 -6.27 4.89 -7.97
CA VAL A 134 -6.74 4.09 -6.84
C VAL A 134 -8.23 3.83 -6.97
N LYS A 135 -8.65 2.56 -6.83
CA LYS A 135 -10.08 2.22 -6.75
C LYS A 135 -10.32 1.40 -5.52
N ALA A 136 -11.61 1.32 -5.16
CA ALA A 136 -12.03 0.51 -4.06
C ALA A 136 -13.23 -0.31 -4.52
N THR A 137 -13.33 -1.50 -3.95
CA THR A 137 -14.38 -2.40 -4.28
C THR A 137 -14.75 -3.31 -3.13
N THR A 138 -16.00 -3.72 -3.19
CA THR A 138 -16.54 -4.51 -2.14
C THR A 138 -16.53 -5.95 -2.57
N THR A 139 -16.82 -6.82 -1.65
CA THR A 139 -16.77 -8.22 -1.98
C THR A 139 -18.15 -8.81 -1.78
N GLU A 140 -19.14 -7.90 -1.77
CA GLU A 140 -20.56 -8.21 -1.60
C GLU A 140 -20.84 -9.04 -0.36
N GLN A 141 -20.05 -8.80 0.68
CA GLN A 141 -20.17 -9.49 1.96
C GLN A 141 -19.75 -10.95 1.93
N LEU A 142 -19.08 -11.38 0.87
CA LEU A 142 -18.52 -12.71 0.81
C LEU A 142 -17.07 -12.75 1.32
N GLY A 143 -16.65 -13.92 1.81
CA GLY A 143 -15.26 -14.12 2.33
C GLY A 143 -14.89 -13.27 3.54
N PHE A 144 -13.61 -13.26 3.88
CA PHE A 144 -13.23 -12.61 5.12
C PHE A 144 -13.30 -11.09 5.01
N THR A 145 -13.14 -10.52 3.80
CA THR A 145 -13.31 -9.07 3.69
C THR A 145 -14.79 -8.73 3.78
N GLY A 146 -15.65 -9.57 3.20
CA GLY A 146 -17.08 -9.31 3.17
C GLY A 146 -17.66 -9.46 4.56
N ARG A 147 -17.05 -10.36 5.31
CA ARG A 147 -17.40 -10.63 6.69
C ARG A 147 -16.86 -9.49 7.59
N GLY A 148 -16.14 -8.52 7.01
CA GLY A 148 -15.45 -7.48 7.78
C GLY A 148 -14.33 -7.87 8.77
N GLU A 149 -13.53 -8.90 8.49
CA GLU A 149 -12.45 -9.28 9.43
C GLU A 149 -11.14 -8.63 9.04
N GLY A 150 -11.07 -8.13 7.82
CA GLY A 150 -9.86 -7.47 7.37
C GLY A 150 -10.09 -6.77 6.06
N ILE A 151 -9.03 -6.11 5.59
CA ILE A 151 -9.03 -5.42 4.29
C ILE A 151 -7.88 -5.99 3.45
N ALA A 152 -8.12 -6.19 2.16
CA ALA A 152 -7.05 -6.64 1.26
C ALA A 152 -6.85 -5.58 0.24
N CYS A 153 -5.68 -5.61 -0.35
CA CYS A 153 -5.34 -4.65 -1.36
C CYS A 153 -4.45 -5.28 -2.42
N GLU A 154 -4.73 -4.92 -3.66
CA GLU A 154 -3.99 -5.44 -4.75
C GLU A 154 -3.42 -4.25 -5.58
N ALA A 155 -2.16 -4.33 -6.00
CA ALA A 155 -1.51 -3.23 -6.74
C ALA A 155 -0.76 -3.78 -7.94
N VAL A 156 -0.71 -2.95 -8.98
CA VAL A 156 -0.05 -3.32 -10.20
C VAL A 156 0.71 -2.08 -10.63
N VAL A 157 1.90 -2.27 -11.19
CA VAL A 157 2.78 -1.13 -11.50
C VAL A 157 3.63 -1.32 -12.74
N LEU A 158 4.00 -0.22 -13.36
CA LEU A 158 4.93 -0.24 -14.48
C LEU A 158 6.09 0.66 -14.17
N LEU A 159 7.31 0.13 -14.26
CA LEU A 159 8.51 0.96 -14.18
C LEU A 159 9.08 1.21 -15.57
N VAL A 160 9.58 2.42 -15.78
N VAL A 160 9.55 2.43 -15.82
CA VAL A 160 10.23 2.80 -17.03
CA VAL A 160 10.25 2.71 -17.06
C VAL A 160 11.71 2.99 -16.76
C VAL A 160 11.70 2.91 -16.74
N ASN A 161 12.54 2.52 -17.69
CA ASN A 161 13.97 2.69 -17.57
C ASN A 161 14.38 4.14 -17.78
N VAL A 162 15.11 4.73 -16.83
CA VAL A 162 15.60 6.09 -17.09
C VAL A 162 16.89 6.07 -17.89
#